data_3AX2
#
_entry.id   3AX2
#
_cell.length_a   61.490
_cell.length_b   61.490
_cell.length_c   98.341
_cell.angle_alpha   90.000
_cell.angle_beta   90.000
_cell.angle_gamma   120.000
#
_symmetry.space_group_name_H-M   'P 31'
#
loop_
_entity.id
_entity.type
_entity.pdbx_description
1 polymer 'Mitochondrial import receptor subunit TOM20 homolog'
2 polymer 'Aldehyde dehydrogenase, mitochondrial'
3 non-polymer 'PHOSPHATE ION'
4 water water
#
loop_
_entity_poly.entity_id
_entity_poly.type
_entity_poly.pdbx_seq_one_letter_code
_entity_poly.pdbx_strand_id
1 'polypeptide(L)' GPLGSDLKDAEAVQKFFLEEIQLGEELLAQGDYEKGVDHLTNAIAVCGQPQQLLQVLQQTLPPPVFQMLLTKL A,C,E,G
2 'polypeptide(L)' GPRLSRLLSYAGSGC(NH2) B,D,F,H
#
# COMPACT_ATOMS: atom_id res chain seq x y z
N GLY A 4 2.23 12.06 -11.63
CA GLY A 4 0.80 12.05 -11.16
C GLY A 4 0.30 10.63 -10.79
N SER A 5 -0.06 9.85 -11.80
CA SER A 5 -0.38 8.46 -11.52
C SER A 5 0.97 7.75 -11.33
N ASP A 6 2.03 8.32 -11.94
CA ASP A 6 3.39 7.78 -11.83
C ASP A 6 3.87 7.83 -10.39
N LEU A 7 3.57 8.94 -9.73
CA LEU A 7 3.88 9.08 -8.28
C LEU A 7 3.15 8.06 -7.42
N LYS A 8 1.87 7.91 -7.69
CA LYS A 8 1.04 6.93 -6.96
C LYS A 8 1.59 5.51 -7.19
N ASP A 9 1.92 5.19 -8.44
CA ASP A 9 2.50 3.87 -8.76
C ASP A 9 3.79 3.65 -7.88
N ALA A 10 4.66 4.64 -7.91
CA ALA A 10 5.91 4.51 -7.19
C ALA A 10 5.69 4.49 -5.68
N GLU A 11 4.77 5.31 -5.18
CA GLU A 11 4.44 5.26 -3.74
C GLU A 11 3.98 3.93 -3.22
N ALA A 12 3.14 3.28 -4.00
CA ALA A 12 2.55 2.02 -3.61
C ALA A 12 3.71 0.97 -3.54
N VAL A 13 4.54 0.92 -4.57
CA VAL A 13 5.72 0.01 -4.62
C VAL A 13 6.67 0.26 -3.43
N GLN A 14 6.99 1.51 -3.15
CA GLN A 14 7.92 1.81 -2.07
C GLN A 14 7.33 1.41 -0.70
N LYS A 15 6.01 1.55 -0.51
CA LYS A 15 5.40 1.14 0.74
CA LYS A 15 5.38 1.16 0.72
C LYS A 15 5.48 -0.36 0.86
N PHE A 16 5.12 -1.07 -0.21
CA PHE A 16 5.08 -2.53 -0.18
C PHE A 16 6.48 -3.05 0.07
N PHE A 17 7.46 -2.48 -0.68
CA PHE A 17 8.84 -2.92 -0.53
C PHE A 17 9.27 -2.88 0.95
N LEU A 18 9.18 -1.72 1.59
CA LEU A 18 9.66 -1.58 2.96
C LEU A 18 8.83 -2.43 3.90
N GLU A 19 7.50 -2.47 3.74
CA GLU A 19 6.66 -3.31 4.61
C GLU A 19 6.98 -4.80 4.57
N GLU A 20 7.35 -5.31 3.37
CA GLU A 20 7.66 -6.70 3.21
C GLU A 20 9.00 -7.01 3.83
N ILE A 21 9.97 -6.12 3.63
CA ILE A 21 11.28 -6.33 4.20
C ILE A 21 11.13 -6.30 5.74
N GLN A 22 10.32 -5.37 6.24
CA GLN A 22 10.21 -5.25 7.72
C GLN A 22 9.42 -6.42 8.32
N LEU A 23 8.39 -6.92 7.66
CA LEU A 23 7.67 -8.11 8.11
C LEU A 23 8.62 -9.26 8.08
N GLY A 24 9.39 -9.37 6.99
CA GLY A 24 10.31 -10.53 6.81
C GLY A 24 11.38 -10.54 7.86
N GLU A 25 11.99 -9.39 8.12
CA GLU A 25 13.00 -9.22 9.16
C GLU A 25 12.49 -9.67 10.50
N GLU A 26 11.25 -9.28 10.82
CA GLU A 26 10.63 -9.64 12.11
C GLU A 26 10.40 -11.16 12.21
N LEU A 27 9.91 -11.79 11.12
CA LEU A 27 9.75 -13.24 11.10
C LEU A 27 11.09 -13.99 11.25
N LEU A 28 12.14 -13.52 10.59
CA LEU A 28 13.47 -14.09 10.85
C LEU A 28 13.90 -13.95 12.31
N ALA A 29 13.66 -12.79 12.93
CA ALA A 29 13.96 -12.61 14.35
C ALA A 29 13.16 -13.62 15.22
N GLN A 30 11.93 -13.91 14.82
CA GLN A 30 11.06 -14.83 15.54
C GLN A 30 11.41 -16.31 15.24
N GLY A 31 12.50 -16.51 14.50
CA GLY A 31 12.85 -17.81 13.96
C GLY A 31 11.91 -18.45 12.93
N ASP A 32 11.03 -17.68 12.27
CA ASP A 32 10.32 -18.25 11.18
C ASP A 32 11.02 -17.94 9.84
N TYR A 33 12.00 -18.74 9.45
CA TYR A 33 12.76 -18.47 8.20
C TYR A 33 11.98 -18.67 6.97
N GLU A 34 11.08 -19.64 7.01
CA GLU A 34 10.17 -19.95 5.92
C GLU A 34 9.33 -18.74 5.48
N LYS A 35 8.51 -18.24 6.40
CA LYS A 35 7.66 -17.11 6.04
C LYS A 35 8.45 -15.81 5.89
N GLY A 36 9.55 -15.73 6.64
CA GLY A 36 10.43 -14.61 6.63
C GLY A 36 10.97 -14.43 5.21
N VAL A 37 11.48 -15.52 4.63
CA VAL A 37 12.07 -15.46 3.27
C VAL A 37 10.98 -15.22 2.22
N ASP A 38 9.77 -15.76 2.45
CA ASP A 38 8.65 -15.49 1.55
C ASP A 38 8.40 -13.96 1.42
N HIS A 39 8.41 -13.23 2.53
CA HIS A 39 8.24 -11.79 2.43
C HIS A 39 9.42 -11.09 1.74
N LEU A 40 10.64 -11.54 2.02
CA LEU A 40 11.76 -10.91 1.37
C LEU A 40 11.70 -11.15 -0.16
N THR A 41 11.25 -12.32 -0.56
CA THR A 41 11.05 -12.54 -2.00
C THR A 41 9.93 -11.72 -2.68
N ASN A 42 8.90 -11.34 -1.93
CA ASN A 42 7.92 -10.33 -2.40
C ASN A 42 8.61 -8.99 -2.60
N ALA A 43 9.49 -8.55 -1.66
CA ALA A 43 10.21 -7.27 -1.87
C ALA A 43 11.12 -7.36 -3.12
N ILE A 44 11.87 -8.43 -3.25
CA ILE A 44 12.71 -8.61 -4.44
C ILE A 44 11.90 -8.62 -5.78
N ALA A 45 10.70 -9.20 -5.76
CA ALA A 45 9.84 -9.19 -6.92
C ALA A 45 9.48 -7.87 -7.47
N VAL A 46 9.35 -6.85 -6.63
CA VAL A 46 8.97 -5.56 -7.15
C VAL A 46 10.18 -4.65 -7.46
N CYS A 47 11.36 -5.19 -7.20
CA CYS A 47 12.67 -4.51 -7.36
C CYS A 47 13.08 -4.59 -8.82
N GLY A 48 13.15 -3.43 -9.50
CA GLY A 48 13.44 -3.44 -10.94
C GLY A 48 14.80 -4.05 -11.29
N GLN A 49 15.79 -3.72 -10.47
CA GLN A 49 17.19 -4.15 -10.76
C GLN A 49 17.73 -4.66 -9.47
N PRO A 50 17.58 -5.97 -9.23
CA PRO A 50 17.70 -6.50 -7.85
C PRO A 50 19.12 -6.95 -7.49
N GLN A 51 20.08 -6.81 -8.41
CA GLN A 51 21.37 -7.43 -8.09
C GLN A 51 21.99 -6.83 -6.85
N GLN A 52 21.92 -5.52 -6.68
CA GLN A 52 22.49 -4.89 -5.49
C GLN A 52 21.78 -5.36 -4.20
N LEU A 53 20.45 -5.43 -4.28
CA LEU A 53 19.64 -5.97 -3.19
C LEU A 53 20.07 -7.40 -2.85
N LEU A 54 20.26 -8.24 -3.87
CA LEU A 54 20.65 -9.64 -3.60
C LEU A 54 22.04 -9.64 -2.89
N GLN A 55 22.98 -8.80 -3.34
CA GLN A 55 24.32 -8.77 -2.68
C GLN A 55 24.21 -8.33 -1.25
N VAL A 56 23.34 -7.35 -1.01
CA VAL A 56 23.06 -7.00 0.42
C VAL A 56 22.45 -8.11 1.27
N LEU A 57 21.42 -8.81 0.77
CA LEU A 57 20.86 -9.95 1.40
C LEU A 57 21.92 -11.01 1.61
N GLN A 58 22.76 -11.24 0.60
CA GLN A 58 23.82 -12.27 0.81
C GLN A 58 24.77 -11.91 1.99
N GLN A 59 25.02 -10.61 2.23
CA GLN A 59 25.86 -10.25 3.36
C GLN A 59 25.24 -10.41 4.71
N THR A 60 23.90 -10.31 4.77
CA THR A 60 23.13 -10.21 6.03
C THR A 60 22.46 -11.59 6.37
N LEU A 61 22.47 -12.57 5.46
CA LEU A 61 21.75 -13.84 5.71
C LEU A 61 22.77 -14.94 5.82
N PRO A 62 22.51 -15.93 6.71
CA PRO A 62 23.30 -17.17 6.60
C PRO A 62 23.29 -17.74 5.18
N PRO A 63 24.45 -18.28 4.72
CA PRO A 63 24.49 -18.70 3.33
C PRO A 63 23.46 -19.74 2.94
N PRO A 64 23.15 -20.73 3.83
CA PRO A 64 22.14 -21.71 3.40
C PRO A 64 20.76 -21.04 3.19
N VAL A 65 20.47 -20.02 3.93
CA VAL A 65 19.20 -19.27 3.83
C VAL A 65 19.25 -18.43 2.52
N PHE A 66 20.38 -17.73 2.31
CA PHE A 66 20.52 -17.01 1.00
C PHE A 66 20.30 -17.97 -0.16
N GLN A 67 20.86 -19.16 -0.01
CA GLN A 67 20.75 -20.14 -1.01
C GLN A 67 19.28 -20.56 -1.23
N MET A 68 18.50 -20.72 -0.16
CA MET A 68 17.10 -21.12 -0.32
C MET A 68 16.29 -20.00 -0.97
N LEU A 69 16.62 -18.78 -0.54
CA LEU A 69 15.98 -17.57 -1.07
C LEU A 69 16.16 -17.60 -2.60
N LEU A 70 17.42 -17.86 -3.07
CA LEU A 70 17.66 -17.89 -4.52
C LEU A 70 16.79 -18.92 -5.20
N THR A 71 16.68 -20.07 -4.60
CA THR A 71 15.86 -21.14 -5.20
C THR A 71 14.40 -20.76 -5.28
N LYS A 72 13.99 -19.76 -4.51
CA LYS A 72 12.57 -19.31 -4.55
C LYS A 72 12.37 -18.22 -5.57
N LEU A 73 13.52 -17.66 -6.00
CA LEU A 73 13.77 -16.41 -6.81
C LEU A 73 14.38 -15.09 -6.13
N GLY B 1 2.13 8.17 2.47
CA GLY B 1 2.99 8.10 1.24
C GLY B 1 2.96 9.48 0.65
N PRO B 2 4.12 10.02 0.24
CA PRO B 2 5.46 9.43 0.33
C PRO B 2 5.93 9.48 1.79
N ARG B 3 6.81 8.59 2.23
CA ARG B 3 7.34 8.71 3.60
C ARG B 3 8.82 8.63 3.44
N LEU B 4 9.55 9.38 4.26
CA LEU B 4 10.98 9.38 4.14
C LEU B 4 11.60 7.97 4.24
N SER B 5 11.15 7.17 5.21
CA SER B 5 11.76 5.87 5.44
C SER B 5 11.59 4.93 4.17
N ARG B 6 10.47 5.12 3.44
CA ARG B 6 10.24 4.29 2.23
C ARG B 6 11.13 4.79 1.13
N LEU B 7 11.26 6.10 1.04
CA LEU B 7 12.15 6.76 -0.01
C LEU B 7 13.58 6.41 0.22
N LEU B 8 14.02 6.43 1.48
CA LEU B 8 15.39 6.11 1.80
C LEU B 8 15.77 4.64 1.56
N SER B 9 14.88 3.77 1.96
CA SER B 9 15.09 2.33 1.89
C SER B 9 15.14 1.95 0.39
N TYR B 10 14.20 2.52 -0.36
CA TYR B 10 14.18 2.19 -1.79
C TYR B 10 15.44 2.71 -2.50
N ALA B 11 15.86 3.92 -2.18
CA ALA B 11 17.12 4.46 -2.73
C ALA B 11 18.31 3.60 -2.31
N GLY B 12 18.35 3.17 -1.04
CA GLY B 12 19.43 2.33 -0.50
C GLY B 12 19.46 0.95 -1.19
N SER B 13 18.29 0.43 -1.59
CA SER B 13 18.25 -0.88 -2.25
C SER B 13 18.95 -0.88 -3.65
N GLY B 14 19.03 0.27 -4.35
CA GLY B 14 19.60 0.29 -5.75
C GLY B 14 18.59 -0.30 -6.78
N CYS B 15 17.34 -0.57 -6.34
CA CYS B 15 16.31 -1.24 -7.18
C CYS B 15 15.86 -0.46 -8.39
N GLY C 4 14.60 3.12 -19.45
CA GLY C 4 15.63 2.28 -18.80
C GLY C 4 15.11 1.68 -17.49
N SER C 5 15.48 2.33 -16.42
CA SER C 5 15.07 1.97 -15.10
C SER C 5 13.54 2.09 -14.91
N ASP C 6 12.87 3.12 -15.45
CA ASP C 6 11.41 3.23 -15.25
C ASP C 6 10.80 2.01 -15.87
N LEU C 7 11.34 1.62 -17.03
CA LEU C 7 10.88 0.43 -17.70
C LEU C 7 11.06 -0.86 -16.83
N LYS C 8 12.25 -1.04 -16.26
CA LYS C 8 12.51 -2.24 -15.49
C LYS C 8 11.59 -2.26 -14.24
N ASP C 9 11.42 -1.09 -13.65
CA ASP C 9 10.51 -0.87 -12.52
C ASP C 9 9.12 -1.42 -12.97
N ALA C 10 8.64 -0.92 -14.12
CA ALA C 10 7.23 -1.24 -14.54
C ALA C 10 7.13 -2.71 -14.90
N GLU C 11 8.14 -3.30 -15.52
CA GLU C 11 8.09 -4.74 -15.83
C GLU C 11 8.06 -5.62 -14.60
N ALA C 12 8.83 -5.27 -13.58
CA ALA C 12 8.83 -6.07 -12.38
C ALA C 12 7.45 -6.03 -11.72
N VAL C 13 6.89 -4.85 -11.56
CA VAL C 13 5.57 -4.71 -10.94
C VAL C 13 4.48 -5.49 -11.72
N GLN C 14 4.43 -5.35 -13.04
CA GLN C 14 3.37 -6.00 -13.81
C GLN C 14 3.50 -7.51 -13.76
N LYS C 15 4.74 -8.03 -13.73
CA LYS C 15 4.97 -9.47 -13.56
C LYS C 15 4.47 -9.97 -12.17
N PHE C 16 4.88 -9.27 -11.12
CA PHE C 16 4.46 -9.66 -9.78
C PHE C 16 2.91 -9.59 -9.65
N PHE C 17 2.35 -8.50 -10.15
CA PHE C 17 0.88 -8.26 -10.05
C PHE C 17 0.11 -9.44 -10.64
N LEU C 18 0.47 -9.83 -11.86
CA LEU C 18 -0.26 -10.97 -12.52
C LEU C 18 -0.04 -12.27 -11.77
N GLU C 19 1.22 -12.51 -11.33
CA GLU C 19 1.52 -13.66 -10.49
C GLU C 19 0.64 -13.75 -9.24
N GLU C 20 0.46 -12.60 -8.59
CA GLU C 20 -0.32 -12.64 -7.35
C GLU C 20 -1.81 -12.81 -7.60
N ILE C 21 -2.34 -12.17 -8.65
CA ILE C 21 -3.74 -12.30 -9.02
C ILE C 21 -3.92 -13.80 -9.35
N GLN C 22 -3.00 -14.38 -10.11
CA GLN C 22 -3.18 -15.82 -10.54
C GLN C 22 -3.11 -16.75 -9.35
N LEU C 23 -2.17 -16.53 -8.48
CA LEU C 23 -2.07 -17.38 -7.28
C LEU C 23 -3.28 -17.23 -6.37
N GLY C 24 -3.64 -15.99 -6.10
CA GLY C 24 -4.88 -15.71 -5.34
C GLY C 24 -6.13 -16.36 -5.89
N GLU C 25 -6.40 -16.17 -7.19
CA GLU C 25 -7.61 -16.77 -7.77
C GLU C 25 -7.60 -18.31 -7.72
N GLU C 26 -6.42 -18.91 -7.88
CA GLU C 26 -6.29 -20.37 -7.84
C GLU C 26 -6.59 -20.86 -6.47
N LEU C 27 -5.97 -20.22 -5.46
CA LEU C 27 -6.20 -20.63 -4.06
C LEU C 27 -7.65 -20.51 -3.57
N LEU C 28 -8.31 -19.46 -4.01
CA LEU C 28 -9.69 -19.19 -3.71
C LEU C 28 -10.55 -20.26 -4.38
N ALA C 29 -10.10 -20.75 -5.55
CA ALA C 29 -10.93 -21.71 -6.27
C ALA C 29 -10.77 -23.08 -5.62
N GLN C 30 -9.71 -23.30 -4.88
CA GLN C 30 -9.62 -24.46 -4.08
C GLN C 30 -10.29 -24.28 -2.72
N GLY C 31 -10.91 -23.11 -2.50
CA GLY C 31 -11.53 -22.77 -1.20
C GLY C 31 -10.62 -22.34 -0.09
N ASP C 32 -9.36 -22.02 -0.41
CA ASP C 32 -8.40 -21.58 0.61
C ASP C 32 -8.47 -20.04 0.68
N TYR C 33 -9.46 -19.54 1.40
CA TYR C 33 -9.77 -18.13 1.55
C TYR C 33 -8.56 -17.37 2.08
N GLU C 34 -7.93 -17.91 3.13
CA GLU C 34 -6.90 -17.19 3.85
C GLU C 34 -5.71 -16.89 2.95
N LYS C 35 -5.11 -17.95 2.43
CA LYS C 35 -3.98 -17.78 1.49
C LYS C 35 -4.36 -17.07 0.18
N GLY C 36 -5.53 -17.35 -0.37
CA GLY C 36 -5.97 -16.71 -1.61
C GLY C 36 -6.06 -15.21 -1.32
N VAL C 37 -6.65 -14.85 -0.18
CA VAL C 37 -6.84 -13.40 0.12
C VAL C 37 -5.45 -12.74 0.31
N ASP C 38 -4.52 -13.41 0.98
CA ASP C 38 -3.22 -12.80 1.16
CA ASP C 38 -3.17 -12.84 1.15
C ASP C 38 -2.53 -12.47 -0.17
N HIS C 39 -2.66 -13.39 -1.17
CA HIS C 39 -2.04 -13.07 -2.46
C HIS C 39 -2.76 -11.91 -3.13
N LEU C 40 -4.09 -11.87 -3.10
CA LEU C 40 -4.75 -10.68 -3.66
C LEU C 40 -4.35 -9.37 -2.96
N THR C 41 -4.08 -9.44 -1.68
CA THR C 41 -3.69 -8.24 -0.93
C THR C 41 -2.28 -7.72 -1.42
N ASN C 42 -1.43 -8.64 -1.85
CA ASN C 42 -0.13 -8.29 -2.46
C ASN C 42 -0.28 -7.59 -3.81
N ALA C 43 -1.21 -8.11 -4.61
CA ALA C 43 -1.51 -7.45 -5.88
C ALA C 43 -2.06 -6.05 -5.65
N ILE C 44 -2.94 -5.91 -4.67
CA ILE C 44 -3.49 -4.59 -4.36
C ILE C 44 -2.46 -3.64 -3.81
N ALA C 45 -1.53 -4.19 -3.04
CA ALA C 45 -0.47 -3.37 -2.46
C ALA C 45 0.43 -2.69 -3.48
N VAL C 46 0.67 -3.26 -4.66
CA VAL C 46 1.44 -2.64 -5.72
C VAL C 46 0.63 -1.84 -6.72
N CYS C 47 -0.63 -1.64 -6.43
CA CYS C 47 -1.57 -1.01 -7.37
C CYS C 47 -1.70 0.44 -6.88
N GLY C 48 -1.25 1.38 -7.74
CA GLY C 48 -1.25 2.82 -7.37
C GLY C 48 -2.61 3.40 -6.96
N GLN C 49 -3.68 3.08 -7.74
CA GLN C 49 -5.01 3.61 -7.48
C GLN C 49 -5.96 2.41 -7.55
N PRO C 50 -6.21 1.81 -6.40
CA PRO C 50 -6.83 0.47 -6.47
C PRO C 50 -8.37 0.43 -6.55
N GLN C 51 -9.06 1.56 -6.73
CA GLN C 51 -10.52 1.48 -6.58
C GLN C 51 -11.13 0.61 -7.69
N GLN C 52 -10.66 0.79 -8.93
CA GLN C 52 -11.14 -0.02 -10.00
C GLN C 52 -10.88 -1.50 -9.81
N LEU C 53 -9.72 -1.86 -9.27
CA LEU C 53 -9.39 -3.28 -9.06
C LEU C 53 -10.32 -3.83 -7.97
N LEU C 54 -10.61 -3.01 -6.92
CA LEU C 54 -11.51 -3.45 -5.87
C LEU C 54 -12.92 -3.63 -6.45
N GLN C 55 -13.34 -2.77 -7.38
CA GLN C 55 -14.63 -2.95 -8.05
C GLN C 55 -14.70 -4.32 -8.76
N VAL C 56 -13.63 -4.60 -9.46
CA VAL C 56 -13.52 -5.86 -10.18
C VAL C 56 -13.56 -7.03 -9.23
N LEU C 57 -12.82 -6.95 -8.11
CA LEU C 57 -12.77 -8.05 -7.10
C LEU C 57 -14.17 -8.25 -6.48
N GLN C 58 -14.87 -7.15 -6.28
CA GLN C 58 -16.25 -7.21 -5.73
C GLN C 58 -17.24 -7.93 -6.66
N GLN C 59 -17.14 -7.67 -7.93
CA GLN C 59 -18.01 -8.37 -8.87
C GLN C 59 -17.71 -9.87 -8.89
N THR C 60 -16.45 -10.23 -8.72
CA THR C 60 -16.03 -11.61 -8.90
C THR C 60 -15.97 -12.41 -7.64
N LEU C 61 -15.95 -11.84 -6.47
CA LEU C 61 -15.85 -12.62 -5.28
C LEU C 61 -17.21 -12.68 -4.56
N PRO C 62 -17.47 -13.75 -3.82
CA PRO C 62 -18.65 -13.71 -2.92
C PRO C 62 -18.57 -12.53 -1.92
N PRO C 63 -19.71 -11.90 -1.57
CA PRO C 63 -19.59 -10.74 -0.68
C PRO C 63 -18.84 -10.95 0.61
N PRO C 64 -19.03 -12.11 1.33
CA PRO C 64 -18.27 -12.20 2.52
C PRO C 64 -16.75 -12.38 2.29
N VAL C 65 -16.33 -12.82 1.12
CA VAL C 65 -14.86 -12.95 0.87
C VAL C 65 -14.30 -11.53 0.57
N PHE C 66 -15.02 -10.82 -0.30
CA PHE C 66 -14.60 -9.40 -0.62
C PHE C 66 -14.57 -8.62 0.64
N GLN C 67 -15.59 -8.75 1.50
CA GLN C 67 -15.57 -8.06 2.79
C GLN C 67 -14.33 -8.44 3.60
N MET C 68 -14.02 -9.74 3.67
CA MET C 68 -12.84 -10.13 4.45
C MET C 68 -11.56 -9.51 3.89
N LEU C 69 -11.47 -9.51 2.56
CA LEU C 69 -10.32 -8.91 1.82
C LEU C 69 -10.14 -7.41 2.20
N LEU C 70 -11.24 -6.64 2.16
CA LEU C 70 -11.17 -5.28 2.65
C LEU C 70 -10.65 -5.13 4.07
N THR C 71 -11.07 -6.04 4.94
CA THR C 71 -10.59 -5.92 6.34
C THR C 71 -9.10 -6.18 6.44
N LYS C 72 -8.52 -6.94 5.48
CA LYS C 72 -7.07 -7.24 5.52
C LYS C 72 -6.18 -6.20 4.84
N LEU C 73 -6.77 -5.17 4.23
CA LEU C 73 -5.92 -4.18 3.57
C LEU C 73 -5.24 -3.21 4.56
N GLY D 1 9.65 -12.74 -21.20
CA GLY D 1 8.53 -13.72 -21.39
C GLY D 1 7.22 -12.99 -21.74
N PRO D 2 6.11 -13.27 -20.99
CA PRO D 2 4.75 -12.93 -21.46
C PRO D 2 4.27 -11.47 -21.19
N ARG D 3 4.91 -10.56 -21.91
CA ARG D 3 4.68 -9.14 -21.71
C ARG D 3 3.24 -8.77 -22.06
N LEU D 4 2.69 -9.39 -23.07
CA LEU D 4 1.31 -8.98 -23.51
C LEU D 4 0.25 -9.33 -22.43
N SER D 5 0.27 -10.53 -21.84
CA SER D 5 -0.70 -10.85 -20.79
CA SER D 5 -0.68 -10.89 -20.77
C SER D 5 -0.49 -10.02 -19.53
N ARG D 6 0.77 -9.75 -19.18
CA ARG D 6 1.08 -8.83 -18.06
C ARG D 6 0.55 -7.43 -18.33
N LEU D 7 0.79 -6.90 -19.53
CA LEU D 7 0.28 -5.62 -19.82
C LEU D 7 -1.24 -5.51 -19.85
N LEU D 8 -1.89 -6.48 -20.48
CA LEU D 8 -3.35 -6.50 -20.51
C LEU D 8 -3.97 -6.54 -19.13
N SER D 9 -3.44 -7.34 -18.23
CA SER D 9 -4.01 -7.49 -16.89
CA SER D 9 -4.00 -7.47 -16.86
C SER D 9 -3.77 -6.24 -16.04
N TYR D 10 -2.60 -5.64 -16.21
CA TYR D 10 -2.26 -4.39 -15.48
C TYR D 10 -3.13 -3.24 -15.99
N ALA D 11 -3.28 -3.09 -17.32
CA ALA D 11 -4.18 -2.07 -17.83
C ALA D 11 -5.63 -2.27 -17.35
N GLY D 12 -6.06 -3.54 -17.30
CA GLY D 12 -7.47 -3.90 -17.02
C GLY D 12 -7.72 -3.53 -15.58
N SER D 13 -6.66 -3.57 -14.77
CA SER D 13 -6.84 -3.28 -13.30
C SER D 13 -7.10 -1.81 -12.99
N GLY D 14 -6.67 -0.93 -13.89
CA GLY D 14 -6.78 0.48 -13.69
C GLY D 14 -5.79 1.01 -12.65
N CYS D 15 -4.81 0.24 -12.23
CA CYS D 15 -3.93 0.61 -11.12
C CYS D 15 -3.10 1.91 -11.38
N ASP E 9 27.67 4.01 10.73
CA ASP E 9 28.22 2.61 10.69
C ASP E 9 27.89 1.76 11.94
N ALA E 10 28.08 2.24 13.16
CA ALA E 10 27.75 1.35 14.26
C ALA E 10 26.23 0.97 14.19
N GLU E 11 25.89 -0.30 14.46
CA GLU E 11 24.55 -0.80 14.22
C GLU E 11 23.48 -0.03 15.03
N ALA E 12 23.80 0.28 16.28
CA ALA E 12 22.86 1.03 17.15
C ALA E 12 22.58 2.43 16.53
N VAL E 13 23.54 3.01 15.81
CA VAL E 13 23.32 4.32 15.15
C VAL E 13 22.28 4.12 14.06
N GLN E 14 22.50 3.13 13.20
CA GLN E 14 21.53 2.88 12.11
C GLN E 14 20.14 2.54 12.66
N LYS E 15 20.09 1.83 13.80
CA LYS E 15 18.84 1.41 14.43
C LYS E 15 18.13 2.64 14.97
N PHE E 16 18.84 3.49 15.73
CA PHE E 16 18.23 4.64 16.34
C PHE E 16 17.71 5.57 15.20
N PHE E 17 18.51 5.75 14.14
CA PHE E 17 18.17 6.62 13.01
C PHE E 17 16.80 6.16 12.43
N LEU E 18 16.71 4.89 12.02
CA LEU E 18 15.46 4.41 11.42
C LEU E 18 14.28 4.50 12.39
N GLU E 19 14.53 4.06 13.61
CA GLU E 19 13.45 4.04 14.62
C GLU E 19 12.87 5.44 14.83
N GLU E 20 13.75 6.43 14.96
CA GLU E 20 13.30 7.78 15.21
C GLU E 20 12.58 8.31 14.00
N ILE E 21 13.07 8.00 12.80
CA ILE E 21 12.33 8.48 11.61
C ILE E 21 10.97 7.81 11.55
N GLN E 22 10.90 6.51 11.91
CA GLN E 22 9.59 5.84 11.75
C GLN E 22 8.62 6.31 12.84
N LEU E 23 9.17 6.61 14.04
CA LEU E 23 8.32 7.21 15.09
C LEU E 23 7.76 8.57 14.60
N GLY E 24 8.66 9.40 14.04
CA GLY E 24 8.30 10.75 13.52
C GLY E 24 7.25 10.66 12.40
N GLU E 25 7.46 9.75 11.48
CA GLU E 25 6.45 9.45 10.42
C GLU E 25 5.04 9.05 10.86
N GLU E 26 4.94 8.19 11.87
CA GLU E 26 3.70 7.77 12.36
C GLU E 26 2.96 8.99 12.96
N LEU E 27 3.67 9.81 13.71
CA LEU E 27 3.12 10.98 14.38
C LEU E 27 2.64 11.98 13.29
N LEU E 28 3.45 12.14 12.25
CA LEU E 28 3.06 13.06 11.15
C LEU E 28 1.81 12.51 10.46
N ALA E 29 1.73 11.20 10.30
CA ALA E 29 0.54 10.60 9.69
C ALA E 29 -0.70 10.86 10.55
N GLN E 30 -0.54 10.91 11.89
CA GLN E 30 -1.65 11.16 12.80
C GLN E 30 -1.95 12.63 12.87
N GLY E 31 -1.14 13.44 12.21
CA GLY E 31 -1.27 14.91 12.26
C GLY E 31 -0.60 15.64 13.41
N ASP E 32 0.25 14.95 14.19
CA ASP E 32 1.04 15.59 15.21
C ASP E 32 2.37 16.04 14.60
N TYR E 33 2.39 17.28 14.13
CA TYR E 33 3.55 17.86 13.47
C TYR E 33 4.62 18.26 14.47
N GLU E 34 4.18 18.64 15.65
CA GLU E 34 5.08 19.00 16.73
C GLU E 34 5.97 17.78 17.14
N LYS E 35 5.36 16.71 17.63
CA LYS E 35 6.16 15.56 18.05
C LYS E 35 6.83 14.87 16.84
N GLY E 36 6.13 14.82 15.71
CA GLY E 36 6.61 14.23 14.43
C GLY E 36 7.95 14.86 14.05
N VAL E 37 7.99 16.18 14.03
CA VAL E 37 9.21 16.89 13.65
C VAL E 37 10.35 16.66 14.69
N ASP E 38 10.00 16.61 15.97
CA ASP E 38 10.99 16.38 17.03
C ASP E 38 11.73 15.08 16.80
N HIS E 39 10.97 14.01 16.46
CA HIS E 39 11.63 12.77 16.16
C HIS E 39 12.58 12.81 14.91
N LEU E 40 12.11 13.45 13.82
CA LEU E 40 12.93 13.67 12.62
C LEU E 40 14.20 14.39 13.08
N THR E 41 14.08 15.41 13.95
CA THR E 41 15.27 16.10 14.37
C THR E 41 16.23 15.18 15.20
N ASN E 42 15.69 14.23 15.97
CA ASN E 42 16.54 13.30 16.66
C ASN E 42 17.31 12.43 15.68
N ALA E 43 16.66 12.01 14.58
CA ALA E 43 17.36 11.20 13.61
C ALA E 43 18.41 12.10 12.87
N ILE E 44 18.05 13.33 12.55
CA ILE E 44 19.05 14.21 11.87
C ILE E 44 20.27 14.43 12.75
N ALA E 45 20.08 14.43 14.08
CA ALA E 45 21.21 14.70 14.97
C ALA E 45 22.28 13.58 15.00
N VAL E 46 21.91 12.38 14.55
CA VAL E 46 22.92 11.29 14.49
C VAL E 46 23.42 11.08 13.10
N CYS E 47 23.03 11.93 12.16
CA CYS E 47 23.37 11.73 10.74
C CYS E 47 24.62 12.62 10.50
N GLY E 48 25.79 11.98 10.19
CA GLY E 48 27.04 12.82 10.07
C GLY E 48 27.00 13.76 8.88
N GLN E 49 26.42 13.33 7.78
CA GLN E 49 26.33 14.14 6.57
C GLN E 49 24.91 14.37 6.21
N PRO E 50 24.27 15.45 6.75
CA PRO E 50 22.80 15.49 6.63
C PRO E 50 22.21 16.24 5.40
N GLN E 51 23.04 16.73 4.47
CA GLN E 51 22.48 17.64 3.48
C GLN E 51 21.51 16.88 2.58
N GLN E 52 21.81 15.65 2.26
CA GLN E 52 20.98 14.92 1.32
C GLN E 52 19.63 14.58 1.97
N LEU E 53 19.72 14.26 3.26
CA LEU E 53 18.50 13.95 4.04
C LEU E 53 17.61 15.18 4.09
N LEU E 54 18.19 16.34 4.39
CA LEU E 54 17.41 17.60 4.45
C LEU E 54 16.76 18.02 3.11
N GLN E 55 17.37 17.64 1.98
CA GLN E 55 16.81 17.93 0.64
C GLN E 55 15.64 17.05 0.37
N VAL E 56 15.76 15.77 0.72
CA VAL E 56 14.62 14.87 0.70
C VAL E 56 13.45 15.45 1.52
N LEU E 57 13.71 15.92 2.73
CA LEU E 57 12.67 16.44 3.60
C LEU E 57 12.10 17.79 3.05
N GLN E 58 12.94 18.64 2.49
CA GLN E 58 12.50 19.92 1.88
C GLN E 58 11.50 19.63 0.76
N GLN E 59 11.71 18.48 0.12
CA GLN E 59 10.93 17.98 -1.01
C GLN E 59 9.65 17.31 -0.56
N THR E 60 9.59 16.82 0.69
CA THR E 60 8.45 15.97 1.06
C THR E 60 7.62 16.50 2.27
N LEU E 61 8.00 17.61 2.86
CA LEU E 61 7.23 18.18 3.91
C LEU E 61 6.55 19.43 3.40
N PRO E 62 5.29 19.69 3.89
CA PRO E 62 4.74 21.03 3.69
C PRO E 62 5.77 22.06 4.05
N PRO E 63 5.94 23.11 3.24
CA PRO E 63 6.99 24.14 3.49
C PRO E 63 7.05 24.85 4.90
N PRO E 64 5.89 25.10 5.54
CA PRO E 64 6.02 25.71 6.88
C PRO E 64 6.53 24.70 7.94
N VAL E 65 6.18 23.43 7.72
CA VAL E 65 6.64 22.28 8.54
C VAL E 65 8.13 22.10 8.35
N PHE E 66 8.58 22.20 7.11
CA PHE E 66 10.01 22.19 6.83
C PHE E 66 10.74 23.37 7.53
N GLN E 67 10.21 24.59 7.41
CA GLN E 67 10.90 25.72 8.13
C GLN E 67 10.92 25.56 9.64
N MET E 68 9.85 25.01 10.21
CA MET E 68 9.81 24.73 11.64
C MET E 68 10.91 23.69 11.97
N LEU E 69 11.01 22.67 11.10
CA LEU E 69 12.02 21.67 11.32
C LEU E 69 13.36 22.38 11.41
N LEU E 70 13.62 23.26 10.44
CA LEU E 70 14.86 24.04 10.42
C LEU E 70 15.14 24.83 11.69
N THR E 71 14.12 25.49 12.24
CA THR E 71 14.32 26.23 13.48
C THR E 71 14.70 25.27 14.59
N LYS E 72 14.36 23.99 14.46
CA LYS E 72 14.69 22.98 15.44
C LYS E 72 16.06 22.31 15.18
N LEU E 73 16.77 22.70 14.11
CA LEU E 73 18.02 22.09 13.52
C LEU E 73 17.83 21.14 12.31
N GLY F 1 19.56 -6.87 14.85
CA GLY F 1 20.58 -6.22 13.97
C GLY F 1 21.71 -7.17 13.57
N PRO F 2 22.29 -7.04 12.33
CA PRO F 2 22.21 -6.03 11.23
C PRO F 2 21.00 -6.21 10.29
N ARG F 3 19.96 -5.40 10.49
CA ARG F 3 18.74 -5.61 9.72
C ARG F 3 18.81 -4.89 8.40
N LEU F 4 18.28 -5.58 7.37
CA LEU F 4 18.20 -5.07 6.03
C LEU F 4 17.53 -3.63 5.97
N SER F 5 16.40 -3.46 6.63
CA SER F 5 15.72 -2.19 6.53
C SER F 5 16.62 -1.08 7.09
N ARG F 6 17.32 -1.35 8.18
CA ARG F 6 18.30 -0.32 8.71
C ARG F 6 19.42 -0.03 7.78
N LEU F 7 20.05 -1.11 7.21
CA LEU F 7 21.13 -1.01 6.26
C LEU F 7 20.70 -0.19 5.03
N LEU F 8 19.54 -0.53 4.45
CA LEU F 8 19.07 0.19 3.24
C LEU F 8 18.72 1.66 3.52
N SER F 9 18.02 1.93 4.62
CA SER F 9 17.48 3.29 4.80
C SER F 9 18.74 4.11 5.13
N TYR F 10 19.69 3.51 5.86
CA TYR F 10 20.87 4.31 6.25
C TYR F 10 21.67 4.68 5.03
N ALA F 11 21.85 3.67 4.18
CA ALA F 11 22.55 3.83 2.91
C ALA F 11 21.89 4.86 2.07
N GLY F 12 20.56 4.82 1.99
CA GLY F 12 19.85 5.77 1.17
C GLY F 12 19.83 7.23 1.71
N SER F 13 19.98 7.40 3.01
CA SER F 13 20.13 8.75 3.63
C SER F 13 21.35 9.49 3.18
N GLY F 14 22.41 8.75 2.87
CA GLY F 14 23.73 9.34 2.62
C GLY F 14 24.38 9.96 3.89
N CYS F 15 23.83 9.66 5.08
CA CYS F 15 24.41 10.12 6.37
C CYS F 15 25.87 9.75 6.60
N LYS G 8 -13.17 1.13 15.03
CA LYS G 8 -14.43 1.03 14.32
C LYS G 8 -14.24 0.05 13.14
N ASP G 9 -15.09 0.08 12.12
CA ASP G 9 -14.95 -0.80 10.91
C ASP G 9 -13.66 -0.53 10.18
N ALA G 10 -13.15 -1.57 9.48
CA ALA G 10 -11.84 -1.49 8.89
C ALA G 10 -11.72 -0.22 8.00
N GLU G 11 -10.59 0.47 8.07
CA GLU G 11 -10.28 1.67 7.23
C GLU G 11 -10.59 1.47 5.74
N ALA G 12 -10.12 0.35 5.17
CA ALA G 12 -10.36 0.06 3.73
C ALA G 12 -11.86 -0.16 3.42
N VAL G 13 -12.65 -0.69 4.37
CA VAL G 13 -14.11 -0.79 4.16
C VAL G 13 -14.72 0.63 4.09
N GLN G 14 -14.34 1.48 5.03
CA GLN G 14 -14.89 2.85 5.00
C GLN G 14 -14.43 3.57 3.75
N LYS G 15 -13.16 3.34 3.32
CA LYS G 15 -12.68 4.09 2.17
C LYS G 15 -13.35 3.60 0.88
N PHE G 16 -13.51 2.29 0.75
CA PHE G 16 -14.13 1.73 -0.46
C PHE G 16 -15.59 2.19 -0.51
N PHE G 17 -16.25 2.14 0.62
CA PHE G 17 -17.67 2.54 0.68
C PHE G 17 -17.82 4.06 0.26
N LEU G 18 -17.03 4.95 0.85
CA LEU G 18 -17.15 6.39 0.49
C LEU G 18 -16.78 6.72 -0.86
N GLU G 19 -15.78 6.06 -1.43
CA GLU G 19 -15.45 6.35 -2.84
C GLU G 19 -16.52 5.86 -3.81
N GLU G 20 -17.14 4.69 -3.52
CA GLU G 20 -18.28 4.25 -4.30
C GLU G 20 -19.45 5.23 -4.14
N ILE G 21 -19.69 5.71 -2.93
CA ILE G 21 -20.79 6.72 -2.79
C ILE G 21 -20.45 7.98 -3.67
N GLN G 22 -19.21 8.46 -3.57
CA GLN G 22 -18.80 9.67 -4.28
C GLN G 22 -18.77 9.51 -5.82
N LEU G 23 -18.28 8.34 -6.31
CA LEU G 23 -18.39 8.02 -7.73
C LEU G 23 -19.85 8.01 -8.12
N GLY G 24 -20.71 7.34 -7.33
CA GLY G 24 -22.13 7.32 -7.63
C GLY G 24 -22.77 8.72 -7.68
N GLU G 25 -22.51 9.52 -6.65
CA GLU G 25 -23.04 10.91 -6.56
C GLU G 25 -22.67 11.74 -7.80
N GLU G 26 -21.39 11.69 -8.18
CA GLU G 26 -20.83 12.35 -9.36
C GLU G 26 -21.63 11.95 -10.59
N LEU G 27 -21.67 10.64 -10.85
CA LEU G 27 -22.34 10.16 -12.02
C LEU G 27 -23.78 10.61 -12.03
N LEU G 28 -24.48 10.51 -10.88
CA LEU G 28 -25.87 10.98 -10.82
C LEU G 28 -26.09 12.46 -11.15
N ALA G 29 -25.23 13.30 -10.59
CA ALA G 29 -25.10 14.72 -10.92
C ALA G 29 -24.92 14.92 -12.42
N GLN G 30 -24.30 13.94 -13.10
CA GLN G 30 -24.01 14.05 -14.57
C GLN G 30 -25.08 13.42 -15.45
N GLY G 31 -26.16 12.98 -14.80
CA GLY G 31 -27.24 12.33 -15.54
C GLY G 31 -26.95 10.93 -16.04
N ASP G 32 -25.85 10.30 -15.58
CA ASP G 32 -25.63 8.88 -15.87
C ASP G 32 -26.19 8.00 -14.71
N TYR G 33 -27.49 7.78 -14.77
CA TYR G 33 -28.24 7.05 -13.77
C TYR G 33 -27.80 5.61 -13.68
N GLU G 34 -27.57 4.97 -14.83
CA GLU G 34 -27.14 3.53 -14.80
C GLU G 34 -25.88 3.23 -13.99
N LYS G 35 -24.83 3.98 -14.29
CA LYS G 35 -23.55 3.72 -13.65
C LYS G 35 -23.60 4.29 -12.26
N GLY G 36 -24.29 5.41 -12.10
CA GLY G 36 -24.44 5.97 -10.78
C GLY G 36 -25.06 5.01 -9.78
N VAL G 37 -26.20 4.41 -10.17
CA VAL G 37 -26.90 3.40 -9.36
C VAL G 37 -26.02 2.16 -9.16
N ASP G 38 -25.21 1.81 -10.15
CA ASP G 38 -24.27 0.67 -9.96
C ASP G 38 -23.32 0.95 -8.81
N HIS G 39 -22.72 2.15 -8.79
CA HIS G 39 -21.81 2.48 -7.70
C HIS G 39 -22.52 2.48 -6.38
N LEU G 40 -23.74 3.01 -6.33
CA LEU G 40 -24.42 2.99 -5.01
C LEU G 40 -24.71 1.55 -4.51
N THR G 41 -25.10 0.64 -5.43
CA THR G 41 -25.20 -0.76 -5.07
C THR G 41 -23.86 -1.40 -4.59
N ASN G 42 -22.72 -1.04 -5.20
CA ASN G 42 -21.39 -1.40 -4.68
C ASN G 42 -21.20 -0.95 -3.21
N ALA G 43 -21.55 0.32 -2.91
CA ALA G 43 -21.38 0.83 -1.59
C ALA G 43 -22.36 0.12 -0.64
N ILE G 44 -23.58 -0.10 -1.11
CA ILE G 44 -24.55 -0.80 -0.20
C ILE G 44 -24.08 -2.25 0.13
N ALA G 45 -23.43 -2.86 -0.84
CA ALA G 45 -23.05 -4.28 -0.71
C ALA G 45 -21.98 -4.36 0.39
N VAL G 46 -21.19 -3.28 0.71
CA VAL G 46 -20.20 -3.39 1.80
C VAL G 46 -20.66 -2.79 3.12
N CYS G 47 -21.90 -2.33 3.10
CA CYS G 47 -22.50 -1.64 4.23
C CYS G 47 -23.13 -2.75 5.14
N GLY G 48 -22.62 -2.92 6.35
CA GLY G 48 -23.05 -4.02 7.30
C GLY G 48 -24.55 -3.92 7.64
N GLN G 49 -25.05 -2.71 7.94
CA GLN G 49 -26.46 -2.47 8.29
C GLN G 49 -27.03 -1.36 7.44
N PRO G 50 -27.66 -1.67 6.31
CA PRO G 50 -27.86 -0.59 5.33
C PRO G 50 -29.21 0.10 5.41
N GLN G 51 -30.00 -0.24 6.44
CA GLN G 51 -31.35 0.40 6.53
C GLN G 51 -31.27 1.91 6.55
N GLN G 52 -30.38 2.47 7.38
CA GLN G 52 -30.28 3.90 7.50
C GLN G 52 -29.87 4.49 6.15
N LEU G 53 -28.89 3.83 5.50
CA LEU G 53 -28.39 4.41 4.23
C LEU G 53 -29.52 4.47 3.16
N LEU G 54 -30.35 3.44 3.06
CA LEU G 54 -31.40 3.36 2.10
C LEU G 54 -32.43 4.45 2.35
N GLN G 55 -32.56 4.92 3.61
CA GLN G 55 -33.28 6.19 3.94
C GLN G 55 -32.53 7.43 3.53
N VAL G 56 -31.22 7.51 3.82
CA VAL G 56 -30.43 8.65 3.37
C VAL G 56 -30.52 8.78 1.87
N LEU G 57 -30.64 7.64 1.15
CA LEU G 57 -30.73 7.63 -0.33
C LEU G 57 -32.07 8.14 -0.85
N GLN G 58 -33.15 7.60 -0.26
CA GLN G 58 -34.49 8.04 -0.61
C GLN G 58 -34.71 9.54 -0.40
N GLN G 59 -34.01 10.14 0.54
CA GLN G 59 -34.19 11.58 0.78
C GLN G 59 -33.22 12.51 -0.01
N THR G 60 -32.34 11.89 -0.81
CA THR G 60 -31.54 12.61 -1.76
C THR G 60 -31.77 12.22 -3.22
N LEU G 61 -32.40 11.09 -3.54
CA LEU G 61 -32.46 10.64 -4.97
C LEU G 61 -33.77 11.01 -5.67
N PRO G 62 -33.68 11.66 -6.84
CA PRO G 62 -34.93 11.71 -7.62
C PRO G 62 -35.70 10.40 -7.48
N PRO G 63 -36.99 10.43 -7.10
CA PRO G 63 -37.82 9.19 -6.89
C PRO G 63 -37.67 8.05 -7.90
N PRO G 64 -37.52 8.34 -9.22
CA PRO G 64 -37.35 7.15 -10.08
C PRO G 64 -35.86 6.62 -10.14
N VAL G 65 -34.90 7.43 -9.70
CA VAL G 65 -33.53 6.92 -9.66
C VAL G 65 -33.53 5.88 -8.52
N PHE G 66 -34.08 6.33 -7.39
CA PHE G 66 -34.34 5.44 -6.25
C PHE G 66 -35.08 4.18 -6.65
N GLN G 67 -36.14 4.31 -7.43
CA GLN G 67 -36.87 3.12 -7.90
C GLN G 67 -35.95 2.14 -8.58
N MET G 68 -35.13 2.66 -9.49
CA MET G 68 -34.14 1.88 -10.22
C MET G 68 -33.15 1.20 -9.25
N LEU G 69 -32.75 1.94 -8.21
CA LEU G 69 -31.83 1.38 -7.20
C LEU G 69 -32.38 0.06 -6.61
N LEU G 70 -33.61 0.11 -6.05
CA LEU G 70 -34.29 -1.08 -5.51
C LEU G 70 -34.22 -2.31 -6.42
N THR G 71 -34.41 -2.07 -7.73
CA THR G 71 -34.37 -3.11 -8.78
C THR G 71 -33.06 -3.89 -8.75
N LYS G 72 -32.09 -3.43 -7.97
CA LYS G 72 -30.79 -4.08 -7.98
C LYS G 72 -30.38 -4.45 -6.58
N LEU G 73 -31.28 -4.21 -5.62
CA LEU G 73 -31.04 -4.28 -4.13
C LEU G 73 -30.60 -2.96 -3.44
N ARG H 3 -9.38 9.94 9.32
CA ARG H 3 -9.49 11.26 8.66
C ARG H 3 -10.96 11.77 8.81
N LEU H 4 -11.05 13.02 9.22
CA LEU H 4 -12.31 13.57 9.73
C LEU H 4 -13.54 13.44 8.82
N SER H 5 -13.51 13.99 7.58
CA SER H 5 -14.64 13.90 6.70
C SER H 5 -15.01 12.48 6.38
N ARG H 6 -14.05 11.56 6.22
CA ARG H 6 -14.41 10.14 6.05
C ARG H 6 -15.10 9.53 7.26
N LEU H 7 -14.60 9.79 8.44
CA LEU H 7 -15.25 9.22 9.67
C LEU H 7 -16.70 9.73 9.82
N LEU H 8 -16.89 11.03 9.61
CA LEU H 8 -18.24 11.62 9.72
C LEU H 8 -19.21 11.02 8.69
N SER H 9 -18.76 10.88 7.45
CA SER H 9 -19.67 10.36 6.45
C SER H 9 -19.96 8.90 6.69
N TYR H 10 -18.95 8.13 7.08
CA TYR H 10 -19.23 6.72 7.36
C TYR H 10 -20.18 6.60 8.58
N ALA H 11 -19.94 7.41 9.60
CA ALA H 11 -20.86 7.39 10.75
C ALA H 11 -22.28 7.74 10.28
N GLY H 12 -22.39 8.69 9.34
CA GLY H 12 -23.79 9.12 8.96
C GLY H 12 -24.49 8.10 8.14
N SER H 13 -23.68 7.28 7.46
CA SER H 13 -24.32 6.19 6.70
C SER H 13 -25.01 5.18 7.58
N GLY H 14 -24.57 5.08 8.81
CA GLY H 14 -25.12 4.11 9.78
C GLY H 14 -24.70 2.70 9.44
N CYS H 15 -23.69 2.56 8.58
CA CYS H 15 -23.32 1.21 8.07
C CYS H 15 -22.75 0.33 9.19
#